data_3A4R
#
_entry.id   3A4R
#
_cell.length_a   26.953
_cell.length_b   35.373
_cell.length_c   68.943
_cell.angle_alpha   90.00
_cell.angle_beta   97.18
_cell.angle_gamma   90.00
#
_symmetry.space_group_name_H-M   'P 1 21 1'
#
loop_
_entity.id
_entity.type
_entity.pdbx_description
1 polymer 'NFATC2-interacting protein'
2 non-polymer 1,2-ETHANEDIOL
3 non-polymer 'SULFATE ION'
4 water water
#
_entity_poly.entity_id   1
_entity_poly.type   'polypeptide(L)'
_entity_poly.pdbx_seq_one_letter_code
;GPLGSQELRLRVQGKEKHQMLEISLSPDSPLKVLMSHYEEAMGLSGHKLSFFFDGTKLSGKELPADLGLESGDLIEVWG
;
_entity_poly.pdbx_strand_id   A,B
#
# COMPACT_ATOMS: atom_id res chain seq x y z
N GLY A 1 -0.82 -0.68 -11.25
CA GLY A 1 -1.09 0.62 -11.86
C GLY A 1 0.09 1.53 -11.80
N PRO A 2 -0.06 2.76 -12.31
CA PRO A 2 1.09 3.63 -12.49
C PRO A 2 1.79 4.04 -11.19
N LEU A 3 1.09 3.93 -10.06
CA LEU A 3 1.68 4.27 -8.76
C LEU A 3 2.61 3.19 -8.23
N GLY A 4 2.55 2.01 -8.82
CA GLY A 4 3.32 0.91 -8.31
C GLY A 4 2.81 0.44 -6.95
N SER A 5 3.69 -0.21 -6.19
CA SER A 5 3.28 -0.92 -5.01
C SER A 5 4.35 -0.89 -3.92
N GLN A 6 5.34 0.00 -4.04
CA GLN A 6 6.36 0.11 -3.00
C GLN A 6 5.82 0.92 -1.80
N GLU A 7 5.69 0.26 -0.65
CA GLU A 7 5.30 0.91 0.59
C GLU A 7 6.26 2.00 0.92
N LEU A 8 5.74 3.11 1.40
CA LEU A 8 6.55 4.21 1.84
C LEU A 8 6.63 4.19 3.36
N ARG A 9 7.83 4.03 3.91
CA ARG A 9 7.99 4.10 5.35
C ARG A 9 8.29 5.57 5.70
N LEU A 10 7.43 6.17 6.49
CA LEU A 10 7.50 7.59 6.82
C LEU A 10 7.50 7.77 8.33
N ARG A 11 8.11 8.87 8.79
CA ARG A 11 7.93 9.29 10.18
C ARG A 11 7.23 10.63 10.20
N VAL A 12 6.36 10.76 11.20
CA VAL A 12 5.51 11.92 11.36
C VAL A 12 5.75 12.49 12.75
N GLN A 13 6.12 13.77 12.83
CA GLN A 13 6.54 14.40 14.07
C GLN A 13 5.72 15.65 14.34
N GLY A 14 5.12 15.72 15.52
CA GLY A 14 4.39 16.87 15.99
C GLY A 14 5.20 17.71 16.93
N LYS A 15 4.55 18.67 17.55
N LYS A 15 4.50 18.62 17.59
CA LYS A 15 5.29 19.65 18.33
CA LYS A 15 5.18 19.65 18.37
C LYS A 15 5.96 19.06 19.56
C LYS A 15 5.82 19.16 19.65
N GLU A 16 5.33 18.04 20.16
CA GLU A 16 5.91 17.44 21.36
C GLU A 16 6.91 16.38 20.98
N LYS A 17 7.98 16.31 21.76
CA LYS A 17 9.11 15.52 21.33
C LYS A 17 8.69 14.10 21.18
N HIS A 18 7.83 13.67 22.09
CA HIS A 18 7.31 12.32 22.03
C HIS A 18 6.20 12.08 21.00
N GLN A 19 5.78 13.12 20.26
CA GLN A 19 4.78 12.93 19.22
C GLN A 19 5.40 12.44 17.91
N MET A 20 5.82 11.18 17.84
N MET A 20 5.81 11.14 17.93
CA MET A 20 6.26 10.60 16.60
CA MET A 20 6.36 10.41 16.76
C MET A 20 5.50 9.30 16.30
C MET A 20 5.64 9.12 16.28
N LEU A 21 5.15 9.17 15.03
CA LEU A 21 4.53 8.00 14.43
C LEU A 21 5.38 7.53 13.26
N GLU A 22 5.69 6.24 13.22
CA GLU A 22 6.16 5.62 11.99
C GLU A 22 4.99 4.91 11.32
N ILE A 23 4.83 5.11 10.02
CA ILE A 23 3.73 4.56 9.27
C ILE A 23 4.28 4.06 7.95
N SER A 24 3.76 2.92 7.54
CA SER A 24 3.99 2.38 6.21
C SER A 24 2.76 2.76 5.40
N LEU A 25 2.93 3.68 4.45
CA LEU A 25 1.84 4.22 3.66
C LEU A 25 1.88 3.62 2.26
N SER A 26 0.78 3.05 1.81
N SER A 26 0.76 3.05 1.82
CA SER A 26 0.75 2.53 0.46
CA SER A 26 0.65 2.53 0.45
C SER A 26 0.84 3.70 -0.50
C SER A 26 0.67 3.66 -0.58
N PRO A 27 1.33 3.45 -1.71
CA PRO A 27 1.37 4.51 -2.72
C PRO A 27 -0.01 4.87 -3.27
N ASP A 28 -1.00 4.01 -3.08
CA ASP A 28 -2.34 4.36 -3.54
C ASP A 28 -3.22 4.93 -2.43
N SER A 29 -2.63 5.23 -1.28
CA SER A 29 -3.35 5.87 -0.19
C SER A 29 -3.19 7.38 -0.23
N PRO A 30 -4.31 8.12 -0.23
CA PRO A 30 -4.17 9.56 -0.10
C PRO A 30 -3.60 9.95 1.27
N LEU A 31 -3.03 11.13 1.35
CA LEU A 31 -2.38 11.57 2.57
C LEU A 31 -3.34 11.67 3.75
N LYS A 32 -4.65 11.81 3.50
CA LYS A 32 -5.61 11.81 4.59
C LYS A 32 -5.48 10.53 5.42
N VAL A 33 -5.10 9.41 4.82
CA VAL A 33 -4.92 8.17 5.55
C VAL A 33 -3.82 8.35 6.63
N LEU A 34 -2.70 8.96 6.24
CA LEU A 34 -1.63 9.24 7.19
C LEU A 34 -2.10 10.21 8.27
N MET A 35 -2.87 11.21 7.87
N MET A 35 -2.82 11.26 7.89
CA MET A 35 -3.32 12.23 8.80
CA MET A 35 -3.32 12.21 8.89
C MET A 35 -4.25 11.63 9.87
C MET A 35 -4.16 11.50 9.93
N SER A 36 -5.11 10.70 9.45
CA SER A 36 -6.01 10.00 10.36
C SER A 36 -5.24 9.09 11.29
N HIS A 37 -4.27 8.35 10.76
CA HIS A 37 -3.47 7.49 11.61
C HIS A 37 -2.70 8.30 12.66
N TYR A 38 -2.18 9.46 12.27
CA TYR A 38 -1.44 10.28 13.22
C TYR A 38 -2.36 10.75 14.34
N GLU A 39 -3.52 11.27 13.97
CA GLU A 39 -4.48 11.71 14.97
C GLU A 39 -4.82 10.58 15.94
N GLU A 40 -5.08 9.39 15.44
CA GLU A 40 -5.41 8.26 16.28
C GLU A 40 -4.24 7.90 17.19
N ALA A 41 -3.04 7.80 16.63
CA ALA A 41 -1.88 7.41 17.43
C ALA A 41 -1.69 8.36 18.59
N MET A 42 -1.85 9.65 18.33
CA MET A 42 -1.48 10.68 19.30
C MET A 42 -2.62 11.17 20.17
N GLY A 43 -3.82 10.66 19.94
CA GLY A 43 -4.97 11.10 20.70
C GLY A 43 -5.40 12.51 20.35
N LEU A 44 -5.35 12.84 19.07
CA LEU A 44 -5.56 14.20 18.60
C LEU A 44 -6.73 14.32 17.58
N SER A 45 -7.64 13.36 17.57
CA SER A 45 -8.81 13.53 16.73
C SER A 45 -9.51 14.84 17.04
N GLY A 46 -9.88 15.55 15.98
CA GLY A 46 -10.59 16.79 16.09
C GLY A 46 -9.72 18.00 16.30
N HIS A 47 -8.44 17.78 16.59
CA HIS A 47 -7.54 18.91 16.79
C HIS A 47 -7.29 19.59 15.45
N LYS A 48 -7.07 20.88 15.49
CA LYS A 48 -6.78 21.63 14.28
C LYS A 48 -5.28 21.52 14.12
N LEU A 49 -4.89 20.66 13.20
CA LEU A 49 -3.51 20.36 12.93
C LEU A 49 -3.20 20.76 11.50
N SER A 50 -1.97 21.19 11.26
CA SER A 50 -1.51 21.46 9.91
C SER A 50 -0.30 20.58 9.61
N PHE A 51 -0.44 19.75 8.58
CA PHE A 51 0.59 18.78 8.18
C PHE A 51 1.36 19.34 7.00
N PHE A 52 2.67 19.16 7.03
CA PHE A 52 3.56 19.65 5.98
C PHE A 52 4.53 18.56 5.55
N PHE A 53 4.77 18.53 4.24
CA PHE A 53 5.87 17.78 3.68
C PHE A 53 6.80 18.75 3.01
N ASP A 54 8.00 18.86 3.55
CA ASP A 54 9.02 19.75 3.02
C ASP A 54 8.48 21.16 2.76
N GLY A 55 7.67 21.66 3.69
CA GLY A 55 7.15 23.00 3.61
C GLY A 55 5.80 23.13 2.91
N THR A 56 5.34 22.07 2.24
CA THR A 56 4.07 22.10 1.53
C THR A 56 2.97 21.60 2.45
N LYS A 57 1.97 22.44 2.66
CA LYS A 57 0.83 22.08 3.49
C LYS A 57 -0.05 21.07 2.77
N LEU A 58 -0.43 20.04 3.50
CA LEU A 58 -1.19 18.94 2.92
C LEU A 58 -2.68 19.15 3.14
N SER A 59 -3.47 18.91 2.09
CA SER A 59 -4.91 18.88 2.20
C SER A 59 -5.41 17.50 2.61
N GLY A 60 -4.61 16.48 2.32
CA GLY A 60 -5.03 15.10 2.48
C GLY A 60 -5.54 14.45 1.19
N LYS A 61 -5.74 15.24 0.14
CA LYS A 61 -6.16 14.72 -1.17
C LYS A 61 -4.96 14.25 -2.01
N GLU A 62 -3.75 14.63 -1.61
CA GLU A 62 -2.56 14.26 -2.33
C GLU A 62 -2.34 12.76 -2.29
N LEU A 63 -1.80 12.22 -3.36
CA LEU A 63 -1.16 10.92 -3.31
C LEU A 63 0.33 11.11 -3.06
N PRO A 64 1.01 10.09 -2.52
CA PRO A 64 2.46 10.21 -2.32
C PRO A 64 3.19 10.71 -3.57
N ALA A 65 2.82 10.22 -4.75
CA ALA A 65 3.52 10.63 -5.97
C ALA A 65 3.32 12.11 -6.27
N ASP A 66 2.22 12.72 -5.83
CA ASP A 66 2.06 14.15 -6.03
C ASP A 66 3.16 14.95 -5.31
N LEU A 67 3.63 14.42 -4.19
CA LEU A 67 4.60 15.09 -3.35
C LEU A 67 6.01 14.61 -3.62
N GLY A 68 6.15 13.47 -4.31
CA GLY A 68 7.44 12.81 -4.47
C GLY A 68 7.96 12.14 -3.20
N LEU A 69 7.05 11.66 -2.36
CA LEU A 69 7.46 10.97 -1.13
C LEU A 69 8.28 9.73 -1.41
N GLU A 70 9.21 9.44 -0.50
CA GLU A 70 9.99 8.22 -0.53
C GLU A 70 10.15 7.70 0.88
N SER A 71 10.48 6.42 1.00
CA SER A 71 10.78 5.88 2.33
C SER A 71 11.93 6.65 2.93
N GLY A 72 11.77 6.95 4.21
CA GLY A 72 12.72 7.74 4.97
C GLY A 72 12.39 9.21 5.04
N ASP A 73 11.31 9.66 4.37
CA ASP A 73 10.88 11.02 4.47
C ASP A 73 10.13 11.26 5.81
N LEU A 74 10.04 12.54 6.14
CA LEU A 74 9.40 13.08 7.35
C LEU A 74 8.23 13.96 6.97
N ILE A 75 7.18 13.88 7.76
CA ILE A 75 6.05 14.79 7.73
C ILE A 75 6.04 15.53 9.07
N GLU A 76 5.90 16.85 9.04
CA GLU A 76 5.81 17.69 10.24
C GLU A 76 4.40 18.13 10.50
N VAL A 77 4.01 18.11 11.76
CA VAL A 77 2.66 18.48 12.15
C VAL A 77 2.75 19.65 13.13
N TRP A 78 2.09 20.74 12.79
CA TRP A 78 1.97 21.92 13.66
C TRP A 78 0.57 21.97 14.26
N GLY A 79 0.50 22.52 15.47
CA GLY A 79 -0.75 22.67 16.19
C GLY A 79 -0.83 21.76 17.39
N GLY B 1 14.62 -14.43 9.96
CA GLY B 1 13.28 -14.12 10.54
C GLY B 1 12.36 -15.31 10.52
N PRO B 2 11.19 -15.18 11.15
CA PRO B 2 10.38 -16.33 11.50
C PRO B 2 9.69 -17.06 10.32
N LEU B 3 9.59 -16.41 9.16
CA LEU B 3 9.09 -17.11 7.98
C LEU B 3 10.25 -17.73 7.20
N LEU B 8 8.47 -17.44 -2.24
CA LEU B 8 7.09 -17.82 -2.57
C LEU B 8 6.81 -17.56 -4.05
N ARG B 9 6.57 -18.62 -4.81
CA ARG B 9 6.22 -18.45 -6.22
C ARG B 9 4.75 -18.83 -6.41
N LEU B 10 4.05 -17.91 -7.03
CA LEU B 10 2.61 -17.96 -7.22
C LEU B 10 2.29 -17.81 -8.70
N ARG B 11 1.19 -18.45 -9.13
CA ARG B 11 0.66 -18.15 -10.46
C ARG B 11 -0.70 -17.48 -10.35
N VAL B 12 -0.90 -16.53 -11.26
CA VAL B 12 -2.05 -15.63 -11.26
C VAL B 12 -2.71 -15.78 -12.63
N GLN B 13 -3.96 -16.19 -12.68
CA GLN B 13 -4.65 -16.51 -13.94
C GLN B 13 -5.92 -15.68 -14.07
N GLY B 14 -6.05 -15.05 -15.23
CA GLY B 14 -7.25 -14.26 -15.57
C GLY B 14 -8.17 -14.98 -16.53
N LYS B 15 -9.18 -14.25 -17.01
N LYS B 15 -9.16 -14.24 -17.01
CA LYS B 15 -10.25 -14.84 -17.80
CA LYS B 15 -10.22 -14.86 -17.80
C LYS B 15 -9.87 -15.16 -19.25
C LYS B 15 -9.77 -15.28 -19.19
N GLU B 16 -8.78 -14.58 -19.75
CA GLU B 16 -8.32 -14.88 -21.10
C GLU B 16 -7.23 -15.92 -21.06
N LYS B 17 -7.16 -16.76 -22.09
CA LYS B 17 -6.28 -17.91 -22.06
C LYS B 17 -4.80 -17.57 -21.94
N HIS B 18 -4.40 -16.41 -22.44
CA HIS B 18 -3.00 -16.03 -22.35
C HIS B 18 -2.60 -15.49 -20.96
N GLN B 19 -3.58 -15.21 -20.12
CA GLN B 19 -3.35 -14.46 -18.88
C GLN B 19 -2.90 -15.37 -17.74
N MET B 20 -1.62 -15.67 -17.81
N MET B 20 -1.62 -15.81 -17.73
CA MET B 20 -0.98 -16.28 -16.68
CA MET B 20 -0.99 -16.51 -16.56
C MET B 20 0.33 -15.59 -16.38
C MET B 20 0.33 -15.81 -16.31
N LEU B 21 0.46 -15.22 -15.11
CA LEU B 21 1.69 -14.64 -14.60
C LEU B 21 2.23 -15.52 -13.50
N GLU B 22 3.50 -15.86 -13.55
CA GLU B 22 4.21 -16.40 -12.38
C GLU B 22 5.02 -15.29 -11.76
N ILE B 23 4.94 -15.16 -10.44
CA ILE B 23 5.65 -14.12 -9.75
C ILE B 23 6.11 -14.62 -8.40
N SER B 24 7.19 -14.02 -7.92
N SER B 24 7.24 -14.12 -7.93
CA SER B 24 7.58 -14.15 -6.53
CA SER B 24 7.61 -14.31 -6.53
C SER B 24 6.91 -13.11 -5.67
C SER B 24 7.15 -13.13 -5.65
N LEU B 25 6.87 -13.43 -4.39
CA LEU B 25 6.42 -12.47 -3.42
C LEU B 25 7.24 -12.72 -2.20
N SER B 26 7.85 -11.65 -1.72
CA SER B 26 8.57 -11.75 -0.48
C SER B 26 7.47 -12.16 0.49
N PRO B 27 7.75 -13.15 1.36
CA PRO B 27 6.75 -13.71 2.28
C PRO B 27 6.01 -12.64 3.06
N ASP B 28 6.62 -11.47 3.21
CA ASP B 28 5.96 -10.35 3.85
C ASP B 28 5.67 -9.13 2.89
N SER B 29 5.57 -9.35 1.58
CA SER B 29 5.07 -8.28 0.66
C SER B 29 3.55 -8.30 0.56
N PRO B 30 2.90 -7.12 0.63
CA PRO B 30 1.44 -7.12 0.51
C PRO B 30 0.98 -7.63 -0.86
N LEU B 31 -0.21 -8.19 -0.88
CA LEU B 31 -0.78 -8.74 -2.11
C LEU B 31 -0.93 -7.68 -3.19
N LYS B 32 -1.00 -6.40 -2.81
CA LYS B 32 -1.03 -5.35 -3.82
C LYS B 32 0.18 -5.42 -4.75
N VAL B 33 1.32 -5.91 -4.25
CA VAL B 33 2.50 -6.07 -5.10
C VAL B 33 2.20 -7.03 -6.26
N LEU B 34 1.59 -8.16 -5.92
CA LEU B 34 1.20 -9.15 -6.92
C LEU B 34 0.19 -8.54 -7.89
N MET B 35 -0.78 -7.81 -7.37
CA MET B 35 -1.79 -7.19 -8.23
C MET B 35 -1.17 -6.23 -9.23
N SER B 36 -0.21 -5.48 -8.72
N SER B 36 -0.23 -5.38 -8.81
CA SER B 36 0.47 -4.49 -9.53
CA SER B 36 0.41 -4.45 -9.76
C SER B 36 1.32 -5.10 -10.61
C SER B 36 1.24 -5.20 -10.77
N HIS B 37 1.97 -6.22 -10.32
CA HIS B 37 2.71 -7.00 -11.31
C HIS B 37 1.75 -7.61 -12.35
N TYR B 38 0.61 -8.12 -11.91
CA TYR B 38 -0.34 -8.70 -12.87
C TYR B 38 -0.85 -7.67 -13.85
N GLU B 39 -1.20 -6.48 -13.36
CA GLU B 39 -1.64 -5.40 -14.25
C GLU B 39 -0.59 -5.06 -15.29
N GLU B 40 0.65 -4.93 -14.85
CA GLU B 40 1.72 -4.60 -15.78
C GLU B 40 1.92 -5.74 -16.79
N ALA B 41 1.98 -6.96 -16.31
CA ALA B 41 2.24 -8.10 -17.20
C ALA B 41 1.21 -8.18 -18.33
N MET B 42 -0.05 -7.95 -17.97
CA MET B 42 -1.15 -8.20 -18.88
C MET B 42 -1.65 -6.95 -19.59
N GLY B 43 -1.05 -5.81 -19.31
CA GLY B 43 -1.49 -4.57 -19.93
C GLY B 43 -2.84 -4.11 -19.43
N LEU B 44 -3.12 -4.30 -18.14
CA LEU B 44 -4.43 -4.06 -17.58
C LEU B 44 -4.44 -2.95 -16.51
N SER B 45 -3.49 -2.01 -16.56
CA SER B 45 -3.58 -0.87 -15.67
C SER B 45 -4.95 -0.22 -15.82
N GLY B 46 -5.55 0.13 -14.68
CA GLY B 46 -6.83 0.81 -14.66
C GLY B 46 -8.03 -0.09 -14.75
N HIS B 47 -7.85 -1.37 -15.08
CA HIS B 47 -8.98 -2.25 -15.18
C HIS B 47 -9.51 -2.59 -13.78
N LYS B 48 -10.80 -2.77 -13.71
CA LYS B 48 -11.44 -3.09 -12.42
C LYS B 48 -11.44 -4.58 -12.18
N LEU B 49 -10.33 -5.14 -11.75
CA LEU B 49 -10.11 -6.55 -11.58
C LEU B 49 -10.43 -6.96 -10.14
N SER B 50 -11.03 -8.13 -9.98
CA SER B 50 -11.23 -8.72 -8.65
C SER B 50 -10.35 -9.95 -8.52
N PHE B 51 -9.50 -9.93 -7.50
CA PHE B 51 -8.53 -10.98 -7.25
C PHE B 51 -9.00 -11.85 -6.09
N PHE B 52 -8.84 -13.15 -6.24
CA PHE B 52 -9.28 -14.10 -5.24
C PHE B 52 -8.19 -15.12 -4.91
N PHE B 53 -8.08 -15.47 -3.64
CA PHE B 53 -7.30 -16.60 -3.19
C PHE B 53 -8.24 -17.61 -2.60
N ASP B 54 -8.37 -18.75 -3.27
CA ASP B 54 -9.26 -19.81 -2.84
C ASP B 54 -10.67 -19.30 -2.51
N GLY B 55 -11.17 -18.39 -3.37
CA GLY B 55 -12.52 -17.87 -3.23
C GLY B 55 -12.64 -16.59 -2.41
N THR B 56 -11.59 -16.24 -1.68
CA THR B 56 -11.62 -15.06 -0.80
C THR B 56 -11.14 -13.85 -1.60
N LYS B 57 -11.95 -12.80 -1.65
CA LYS B 57 -11.60 -11.61 -2.35
C LYS B 57 -10.52 -10.85 -1.59
N LEU B 58 -9.51 -10.41 -2.33
CA LEU B 58 -8.34 -9.74 -1.75
C LEU B 58 -8.47 -8.24 -1.85
N SER B 59 -8.11 -7.55 -0.76
CA SER B 59 -8.00 -6.10 -0.80
C SER B 59 -6.63 -5.66 -1.35
N GLY B 60 -5.63 -6.52 -1.23
CA GLY B 60 -4.27 -6.15 -1.49
C GLY B 60 -3.47 -5.80 -0.24
N LYS B 61 -4.15 -5.60 0.88
CA LYS B 61 -3.46 -5.30 2.13
C LYS B 61 -2.95 -6.55 2.82
N GLU B 62 -3.44 -7.72 2.41
CA GLU B 62 -3.02 -8.95 3.04
C GLU B 62 -1.54 -9.22 2.85
N LEU B 63 -0.94 -9.90 3.83
CA LEU B 63 0.40 -10.45 3.67
C LEU B 63 0.26 -11.92 3.39
N PRO B 64 1.20 -12.49 2.62
CA PRO B 64 1.05 -13.90 2.22
C PRO B 64 0.83 -14.83 3.41
N ALA B 65 1.46 -14.62 4.55
CA ALA B 65 1.19 -15.51 5.69
C ALA B 65 -0.25 -15.37 6.24
N ASP B 66 -0.89 -14.21 6.08
CA ASP B 66 -2.28 -14.01 6.53
C ASP B 66 -3.25 -14.99 5.84
N LEU B 67 -2.90 -15.38 4.62
CA LEU B 67 -3.73 -16.24 3.80
C LEU B 67 -3.22 -17.66 3.81
N GLY B 68 -2.03 -17.85 4.39
CA GLY B 68 -1.36 -19.16 4.35
C GLY B 68 -0.85 -19.51 2.97
N LEU B 69 -0.45 -18.53 2.18
CA LEU B 69 0.10 -18.80 0.84
C LEU B 69 1.38 -19.61 0.91
N GLU B 70 1.53 -20.48 -0.09
CA GLU B 70 2.74 -21.26 -0.27
C GLU B 70 3.05 -21.34 -1.75
N SER B 71 4.28 -21.67 -2.06
CA SER B 71 4.67 -21.84 -3.44
C SER B 71 3.77 -22.87 -4.07
N GLY B 72 3.34 -22.62 -5.30
CA GLY B 72 2.43 -23.53 -5.98
C GLY B 72 0.98 -23.13 -5.87
N ASP B 73 0.67 -22.13 -5.04
CA ASP B 73 -0.68 -21.62 -4.95
C ASP B 73 -1.02 -20.74 -6.15
N LEU B 74 -2.34 -20.58 -6.32
CA LEU B 74 -2.95 -19.84 -7.41
C LEU B 74 -3.78 -18.68 -6.89
N ILE B 75 -3.71 -17.59 -7.63
CA ILE B 75 -4.62 -16.45 -7.49
C ILE B 75 -5.46 -16.39 -8.78
N GLU B 76 -6.75 -16.19 -8.62
CA GLU B 76 -7.70 -16.11 -9.75
C GLU B 76 -8.18 -14.70 -9.89
N VAL B 77 -8.21 -14.21 -11.13
CA VAL B 77 -8.57 -12.82 -11.39
C VAL B 77 -9.82 -12.82 -12.30
N TRP B 78 -10.87 -12.19 -11.83
CA TRP B 78 -12.09 -11.98 -12.61
C TRP B 78 -12.16 -10.52 -13.09
N GLY B 79 -12.81 -10.32 -14.22
CA GLY B 79 -12.98 -9.00 -14.81
C GLY B 79 -12.04 -8.74 -15.98
#